data_6JP3
#
_entry.id   6JP3
#
_cell.length_a   65.502
_cell.length_b   90.525
_cell.length_c   91.240
_cell.angle_alpha   90.00
_cell.angle_beta   90.00
_cell.angle_gamma   90.00
#
_symmetry.space_group_name_H-M   'P 21 21 21'
#
loop_
_entity.id
_entity.type
_entity.pdbx_description
1 polymer 'HLA class I histocompatibility antigen, A-11 alpha chain'
2 polymer Beta-2-microglobulin
3 polymer ALA-THR-ILE-GLY-THR
4 polymer ALA-MET-TYR-LYS
5 non-polymer GLYCEROL
6 water water
#
loop_
_entity_poly.entity_id
_entity_poly.type
_entity_poly.pdbx_seq_one_letter_code
_entity_poly.pdbx_strand_id
1 'polypeptide(L)'
;GSHSMRYFYTSVSRPGRGEPRFIAVGYVDDTQFVRFDSDAASQRMEPRAPWIEQEGPEYWDQETRNVKAQSQTDRVDLGT
LRGYYNQSEDGSHTIQIMYGCDVGPDGRFLRGYRQDAYDGKDYIALNEDLRSWTAADMAAQITKRKWEAAHAAEQQRAYL
EGRCVEWLRRYLENGKETLQRTDPPKTHMTHHPISDHEATLRCWALGFYPAEITLTWQRDGEDQTQDTELVETRPAGDGT
FQKWAAVVVPSGEEQRYTCHVQHEGLPKPLTLRWE
;
A
2 'polypeptide(L)'
;IQRTPKIQVYSRHPAENGKSNFLNCYVSGFHPSDIEVDLLKNGERIEKVEHSDLSFSKDWSFYLLYYTEFTPTEKDEYAC
RVNHVTLSQPKIVKWDRDM
;
B
3 'polypeptide(L)' ATIGT C
4 'polypeptide(L)' AMYK D
#
loop_
_chem_comp.id
_chem_comp.type
_chem_comp.name
_chem_comp.formula
GOL non-polymer GLYCEROL 'C3 H8 O3'
#
# COMPACT_ATOMS: atom_id res chain seq x y z
N GLY A 1 -18.00 -3.51 -11.98
CA GLY A 1 -17.40 -2.17 -12.04
C GLY A 1 -17.72 -1.60 -10.67
N SER A 2 -17.39 -2.36 -9.62
CA SER A 2 -17.48 -1.89 -8.18
C SER A 2 -16.25 -1.04 -7.90
N HIS A 3 -16.42 -0.15 -6.95
CA HIS A 3 -15.41 0.81 -6.65
C HIS A 3 -15.34 1.04 -5.15
N SER A 4 -14.17 1.48 -4.67
CA SER A 4 -13.97 1.72 -3.25
C SER A 4 -13.29 2.98 -3.01
N MET A 5 -13.55 3.57 -1.83
CA MET A 5 -12.79 4.68 -1.34
C MET A 5 -12.32 4.31 0.05
N ARG A 6 -11.06 4.57 0.31
CA ARG A 6 -10.42 4.21 1.59
C ARG A 6 -9.48 5.25 2.07
N TYR A 7 -9.55 5.55 3.39
CA TYR A 7 -8.58 6.36 4.06
C TYR A 7 -7.80 5.52 5.06
N PHE A 8 -6.49 5.84 5.13
CA PHE A 8 -5.55 5.08 5.99
C PHE A 8 -4.81 6.04 6.84
N TYR A 9 -4.96 6.00 8.16
CA TYR A 9 -4.31 6.87 9.09
C TYR A 9 -3.33 6.12 9.96
N THR A 10 -2.14 6.69 10.18
CA THR A 10 -1.14 6.10 11.03
C THR A 10 -0.67 7.18 12.00
N SER A 11 -0.68 6.89 13.30
CA SER A 11 -0.06 7.72 14.31
C SER A 11 1.02 6.93 15.03
N VAL A 12 2.22 7.52 15.21
CA VAL A 12 3.34 6.78 15.83
C VAL A 12 3.93 7.69 16.89
N SER A 13 3.93 7.22 18.13
CA SER A 13 4.60 8.03 19.19
C SER A 13 6.13 7.92 19.03
N ARG A 14 6.82 8.93 19.53
CA ARG A 14 8.28 8.94 19.43
C ARG A 14 8.84 9.63 20.67
N PRO A 15 8.68 8.96 21.81
CA PRO A 15 8.93 9.66 23.10
C PRO A 15 10.30 10.33 23.16
N GLY A 16 10.31 11.59 23.62
CA GLY A 16 11.54 12.39 23.67
C GLY A 16 11.97 13.03 22.35
N ARG A 17 11.20 12.80 21.26
CA ARG A 17 11.50 13.31 19.94
C ARG A 17 10.36 14.01 19.31
N GLY A 18 9.56 14.65 20.12
CA GLY A 18 8.52 15.49 19.60
C GLY A 18 7.20 14.78 19.64
N GLU A 19 6.22 15.42 19.02
CA GLU A 19 4.91 15.00 19.15
C GLU A 19 4.85 13.71 18.24
N PRO A 20 3.80 12.90 18.45
CA PRO A 20 3.61 11.79 17.51
C PRO A 20 3.53 12.21 16.09
N ARG A 21 3.97 11.32 15.20
CA ARG A 21 3.80 11.58 13.81
C ARG A 21 2.50 11.06 13.28
N PHE A 22 1.83 11.84 12.48
CA PHE A 22 0.56 11.42 11.90
C PHE A 22 0.57 11.53 10.41
N ILE A 23 0.20 10.45 9.73
CA ILE A 23 0.11 10.42 8.30
C ILE A 23 -1.25 9.92 7.89
N ALA A 24 -1.89 10.59 6.92
CA ALA A 24 -3.08 10.16 6.33
C ALA A 24 -2.94 10.05 4.84
N VAL A 25 -3.51 9.01 4.27
CA VAL A 25 -3.64 8.90 2.82
C VAL A 25 -5.03 8.48 2.39
N GLY A 26 -5.50 8.96 1.23
CA GLY A 26 -6.74 8.51 0.67
C GLY A 26 -6.57 7.89 -0.69
N TYR A 27 -7.34 6.87 -0.90
CA TYR A 27 -7.41 6.15 -2.17
C TYR A 27 -8.84 6.01 -2.73
N VAL A 28 -8.92 6.05 -4.07
CA VAL A 28 -10.04 5.50 -4.79
C VAL A 28 -9.52 4.29 -5.57
N ASP A 29 -10.10 3.15 -5.26
CA ASP A 29 -9.61 1.85 -5.77
C ASP A 29 -8.11 1.84 -5.52
N ASP A 30 -7.25 1.63 -6.55
CA ASP A 30 -5.79 1.60 -6.33
C ASP A 30 -5.05 2.85 -6.68
N THR A 31 -5.74 4.02 -6.68
CA THR A 31 -5.19 5.27 -6.99
C THR A 31 -5.20 6.22 -5.79
N GLN A 32 -4.03 6.61 -5.29
CA GLN A 32 -3.97 7.59 -4.20
C GLN A 32 -4.40 8.95 -4.73
N PHE A 33 -5.14 9.71 -3.89
CA PHE A 33 -5.54 11.06 -4.32
C PHE A 33 -5.30 12.18 -3.33
N VAL A 34 -5.03 11.87 -2.04
CA VAL A 34 -4.64 12.89 -1.09
C VAL A 34 -3.66 12.35 -0.05
N ARG A 35 -3.00 13.26 0.60
CA ARG A 35 -2.09 12.95 1.73
C ARG A 35 -2.06 14.08 2.69
N PHE A 36 -1.78 13.75 3.92
CA PHE A 36 -1.37 14.65 4.98
C PHE A 36 -0.23 14.06 5.78
N ASP A 37 0.79 14.85 6.12
CA ASP A 37 1.91 14.43 6.97
C ASP A 37 2.18 15.52 7.99
N SER A 38 2.06 15.18 9.26
CA SER A 38 2.15 16.13 10.42
C SER A 38 3.60 16.69 10.41
N ASP A 39 4.55 15.99 9.87
CA ASP A 39 5.93 16.54 9.89
C ASP A 39 6.22 17.49 8.69
N ALA A 40 5.36 17.51 7.66
CA ALA A 40 5.58 18.35 6.48
C ALA A 40 5.30 19.83 6.84
N ALA A 41 5.85 20.72 6.02
CA ALA A 41 5.79 22.11 6.43
C ALA A 41 4.45 22.74 6.16
N SER A 42 3.66 22.26 5.19
CA SER A 42 2.41 22.88 4.82
C SER A 42 1.32 22.85 5.86
N GLN A 43 1.29 21.75 6.64
CA GLN A 43 0.21 21.43 7.52
C GLN A 43 -1.13 21.47 6.83
N ARG A 44 -1.22 21.02 5.57
CA ARG A 44 -2.43 20.92 4.86
C ARG A 44 -2.64 19.53 4.26
N MET A 45 -3.87 19.14 4.09
CA MET A 45 -4.24 18.01 3.17
C MET A 45 -3.82 18.50 1.77
N GLU A 46 -3.10 17.62 1.05
CA GLU A 46 -2.50 17.95 -0.30
C GLU A 46 -2.95 16.96 -1.35
N PRO A 47 -3.21 17.44 -2.56
CA PRO A 47 -3.64 16.60 -3.67
C PRO A 47 -2.48 15.70 -4.18
N ARG A 48 -2.88 14.53 -4.60
CA ARG A 48 -1.91 13.59 -5.21
CA ARG A 48 -1.97 13.51 -5.18
C ARG A 48 -2.49 12.85 -6.46
N ALA A 49 -3.62 13.29 -6.99
CA ALA A 49 -4.15 12.84 -8.29
C ALA A 49 -4.58 14.11 -9.05
N PRO A 50 -4.50 14.10 -10.36
CA PRO A 50 -4.85 15.38 -11.08
C PRO A 50 -6.33 15.76 -10.91
N TRP A 51 -7.18 14.81 -10.87
CA TRP A 51 -8.66 15.03 -10.78
C TRP A 51 -9.21 15.60 -9.45
N ILE A 52 -8.41 15.54 -8.39
CA ILE A 52 -8.78 16.27 -7.14
C ILE A 52 -8.37 17.71 -7.08
N GLU A 53 -7.47 18.13 -7.96
CA GLU A 53 -6.90 19.46 -7.90
C GLU A 53 -7.96 20.54 -8.12
N GLN A 54 -9.02 20.19 -8.84
CA GLN A 54 -10.11 21.16 -9.10
C GLN A 54 -10.93 21.48 -7.85
N GLU A 55 -10.86 20.63 -6.79
CA GLU A 55 -11.57 20.99 -5.60
C GLU A 55 -11.12 22.32 -5.06
N GLY A 56 -12.12 23.05 -4.52
CA GLY A 56 -11.92 24.43 -4.06
C GLY A 56 -11.36 24.60 -2.65
N PRO A 57 -10.93 25.82 -2.31
CA PRO A 57 -10.49 26.11 -0.96
C PRO A 57 -11.31 25.59 0.18
N GLU A 58 -12.63 25.60 0.10
CA GLU A 58 -13.47 25.05 1.16
C GLU A 58 -13.16 23.55 1.41
N TYR A 59 -12.98 22.82 0.32
CA TYR A 59 -12.70 21.39 0.41
C TYR A 59 -11.41 21.19 1.09
N TRP A 60 -10.34 21.84 0.66
CA TRP A 60 -9.01 21.71 1.29
C TRP A 60 -9.01 22.13 2.75
N ASP A 61 -9.73 23.19 3.05
CA ASP A 61 -9.80 23.57 4.45
C ASP A 61 -10.47 22.53 5.29
N GLN A 62 -11.59 21.98 4.85
CA GLN A 62 -12.36 21.04 5.62
C GLN A 62 -11.57 19.69 5.81
N GLU A 63 -11.05 19.22 4.72
CA GLU A 63 -10.19 17.99 4.77
C GLU A 63 -9.02 18.20 5.73
N THR A 64 -8.31 19.31 5.73
CA THR A 64 -7.22 19.62 6.59
C THR A 64 -7.74 19.59 8.05
N ARG A 65 -8.88 20.24 8.29
CA ARG A 65 -9.53 20.23 9.62
CA ARG A 65 -9.35 20.24 9.65
C ARG A 65 -9.72 18.80 10.16
N ASN A 66 -10.28 17.95 9.30
CA ASN A 66 -10.66 16.64 9.73
C ASN A 66 -9.42 15.84 10.11
N VAL A 67 -8.37 15.91 9.28
CA VAL A 67 -7.20 15.10 9.64
C VAL A 67 -6.40 15.66 10.77
N LYS A 68 -6.33 16.98 10.91
CA LYS A 68 -5.72 17.58 12.09
CA LYS A 68 -5.67 17.51 12.11
C LYS A 68 -6.44 17.08 13.37
N ALA A 69 -7.78 17.07 13.32
CA ALA A 69 -8.59 16.61 14.44
C ALA A 69 -8.26 15.16 14.80
N GLN A 70 -8.10 14.33 13.72
CA GLN A 70 -7.75 12.93 14.03
C GLN A 70 -6.38 12.82 14.62
N SER A 71 -5.42 13.60 14.18
CA SER A 71 -4.09 13.56 14.75
C SER A 71 -4.07 13.87 16.24
N GLN A 72 -4.91 14.87 16.59
CA GLN A 72 -5.04 15.25 18.00
C GLN A 72 -5.78 14.20 18.85
N THR A 73 -6.76 13.61 18.26
CA THR A 73 -7.52 12.53 18.92
C THR A 73 -6.55 11.39 19.24
N ASP A 74 -5.77 11.04 18.23
CA ASP A 74 -4.83 9.96 18.39
C ASP A 74 -3.78 10.25 19.44
N ARG A 75 -3.33 11.48 19.61
CA ARG A 75 -2.39 11.80 20.67
C ARG A 75 -2.99 11.45 22.05
N VAL A 76 -4.27 11.74 22.26
CA VAL A 76 -4.96 11.33 23.52
C VAL A 76 -5.00 9.80 23.60
N ASP A 77 -5.43 9.18 22.50
CA ASP A 77 -5.66 7.72 22.51
C ASP A 77 -4.34 6.93 22.73
N LEU A 78 -3.22 7.46 22.17
CA LEU A 78 -1.93 6.80 22.45
C LEU A 78 -1.63 6.73 23.94
N GLY A 79 -1.91 7.82 24.64
CA GLY A 79 -1.73 7.90 26.11
C GLY A 79 -2.66 6.93 26.77
N THR A 80 -3.90 6.96 26.37
CA THR A 80 -4.92 6.03 26.96
C THR A 80 -4.52 4.55 26.84
N LEU A 81 -4.17 4.15 25.63
CA LEU A 81 -3.84 2.76 25.35
C LEU A 81 -2.57 2.36 26.04
N ARG A 82 -1.58 3.23 26.16
CA ARG A 82 -0.35 2.88 26.93
C ARG A 82 -0.77 2.49 28.39
N GLY A 83 -1.75 3.22 28.91
CA GLY A 83 -2.33 2.95 30.25
C GLY A 83 -3.09 1.67 30.30
N TYR A 84 -3.93 1.35 29.31
CA TYR A 84 -4.65 0.08 29.26
C TYR A 84 -3.73 -1.13 29.22
N TYR A 85 -2.61 -1.02 28.49
CA TYR A 85 -1.68 -2.11 28.36
C TYR A 85 -0.56 -2.08 29.39
N ASN A 86 -0.57 -1.13 30.29
CA ASN A 86 0.49 -0.97 31.28
C ASN A 86 1.90 -0.85 30.71
N GLN A 87 2.06 -0.01 29.67
CA GLN A 87 3.30 0.12 29.00
C GLN A 87 4.00 1.37 29.53
N SER A 88 5.31 1.34 29.43
CA SER A 88 6.13 2.49 29.84
C SER A 88 6.01 3.63 28.87
N GLU A 89 6.43 4.79 29.34
CA GLU A 89 6.44 6.00 28.57
C GLU A 89 7.55 6.08 27.53
N ASP A 90 8.52 5.18 27.59
CA ASP A 90 9.71 5.24 26.77
C ASP A 90 9.64 4.55 25.39
N GLY A 91 8.73 3.65 25.19
CA GLY A 91 8.52 2.97 23.95
C GLY A 91 7.61 3.69 22.93
N SER A 92 7.94 3.50 21.67
CA SER A 92 7.12 3.96 20.49
C SER A 92 5.95 2.97 20.26
N HIS A 93 4.75 3.50 20.01
CA HIS A 93 3.59 2.68 19.74
C HIS A 93 2.85 3.30 18.59
N THR A 94 2.00 2.50 17.99
CA THR A 94 1.34 2.87 16.73
C THR A 94 -0.15 2.64 16.82
N ILE A 95 -0.93 3.64 16.41
CA ILE A 95 -2.35 3.45 16.06
C ILE A 95 -2.57 3.57 14.58
N GLN A 96 -3.28 2.60 14.02
CA GLN A 96 -3.67 2.62 12.61
C GLN A 96 -5.18 2.59 12.51
N ILE A 97 -5.73 3.33 11.57
CA ILE A 97 -7.18 3.36 11.28
C ILE A 97 -7.38 3.24 9.80
N MET A 98 -8.29 2.36 9.39
CA MET A 98 -8.73 2.34 8.05
C MET A 98 -10.28 2.46 8.03
N TYR A 99 -10.76 3.25 7.12
CA TYR A 99 -12.23 3.30 6.90
C TYR A 99 -12.52 3.62 5.45
N GLY A 100 -13.79 3.30 5.05
CA GLY A 100 -14.21 3.69 3.79
C GLY A 100 -15.46 2.92 3.35
N CYS A 101 -15.78 3.05 2.05
CA CYS A 101 -17.00 2.47 1.51
C CYS A 101 -16.80 1.85 0.15
N ASP A 102 -17.66 0.90 -0.21
CA ASP A 102 -17.66 0.29 -1.56
C ASP A 102 -19.02 0.59 -2.22
N VAL A 103 -18.99 0.92 -3.52
CA VAL A 103 -20.25 1.12 -4.32
C VAL A 103 -20.24 0.14 -5.45
N GLY A 104 -21.46 -0.17 -5.92
CA GLY A 104 -21.64 -1.07 -7.03
C GLY A 104 -21.48 -0.38 -8.34
N PRO A 105 -21.58 -1.15 -9.46
CA PRO A 105 -21.59 -0.51 -10.80
C PRO A 105 -22.69 0.56 -10.95
N ASP A 106 -23.83 0.36 -10.27
CA ASP A 106 -24.89 1.39 -10.24
C ASP A 106 -24.56 2.61 -9.39
N GLY A 107 -23.52 2.54 -8.57
CA GLY A 107 -23.13 3.68 -7.77
C GLY A 107 -23.81 3.65 -6.42
N ARG A 108 -24.47 2.54 -6.09
CA ARG A 108 -25.18 2.41 -4.84
C ARG A 108 -24.26 1.75 -3.79
N PHE A 109 -24.49 2.18 -2.55
CA PHE A 109 -23.80 1.66 -1.38
C PHE A 109 -23.84 0.16 -1.33
N LEU A 110 -22.66 -0.48 -1.18
CA LEU A 110 -22.57 -1.91 -0.89
C LEU A 110 -22.14 -2.24 0.49
N ARG A 111 -21.09 -1.55 0.99
CA ARG A 111 -20.49 -2.00 2.24
C ARG A 111 -19.68 -0.77 2.79
N GLY A 112 -19.62 -0.70 4.09
CA GLY A 112 -18.79 0.29 4.76
C GLY A 112 -17.89 -0.42 5.74
N TYR A 113 -16.80 0.25 6.09
CA TYR A 113 -15.78 -0.23 7.00
C TYR A 113 -15.19 0.82 7.88
N ARG A 114 -14.80 0.41 9.08
CA ARG A 114 -13.95 1.19 9.98
C ARG A 114 -13.30 0.19 10.87
N GLN A 115 -11.93 0.19 10.85
CA GLN A 115 -11.24 -0.72 11.73
C GLN A 115 -9.93 -0.10 12.21
N ASP A 116 -9.56 -0.47 13.40
CA ASP A 116 -8.51 0.19 14.14
C ASP A 116 -7.56 -0.89 14.71
N ALA A 117 -6.28 -0.54 14.72
CA ALA A 117 -5.23 -1.36 15.24
C ALA A 117 -4.41 -0.67 16.25
N TYR A 118 -3.66 -1.44 17.06
CA TYR A 118 -2.70 -0.93 18.00
C TYR A 118 -1.46 -1.85 17.88
N ASP A 119 -0.30 -1.20 17.69
CA ASP A 119 0.93 -1.93 17.48
C ASP A 119 0.81 -3.07 16.49
N GLY A 120 0.09 -2.84 15.39
CA GLY A 120 -0.03 -3.74 14.26
C GLY A 120 -0.85 -4.97 14.41
N LYS A 121 -1.71 -4.90 15.42
CA LYS A 121 -2.68 -5.95 15.69
C LYS A 121 -4.08 -5.33 15.80
N ASP A 122 -5.05 -6.13 15.43
CA ASP A 122 -6.45 -5.67 15.59
C ASP A 122 -6.71 -5.16 16.96
N TYR A 123 -7.50 -4.09 17.04
CA TYR A 123 -7.86 -3.49 18.29
C TYR A 123 -9.40 -3.49 18.36
N ILE A 124 -10.07 -2.67 17.52
CA ILE A 124 -11.55 -2.65 17.48
C ILE A 124 -11.98 -2.49 16.06
N ALA A 125 -13.15 -3.03 15.69
CA ALA A 125 -13.66 -2.90 14.39
C ALA A 125 -15.15 -2.72 14.37
N LEU A 126 -15.60 -1.88 13.48
CA LEU A 126 -17.05 -1.76 13.24
C LEU A 126 -17.48 -3.00 12.48
N ASN A 127 -18.57 -3.59 12.95
CA ASN A 127 -19.16 -4.73 12.17
C ASN A 127 -19.85 -4.34 10.92
N GLU A 128 -20.07 -5.34 10.06
CA GLU A 128 -20.61 -5.09 8.77
C GLU A 128 -22.00 -4.48 8.82
N ASP A 129 -22.73 -4.72 9.87
CA ASP A 129 -24.05 -4.02 10.03
C ASP A 129 -23.96 -2.54 10.35
N LEU A 130 -22.77 -2.03 10.66
CA LEU A 130 -22.63 -0.59 10.94
C LEU A 130 -23.34 -0.12 12.22
N ARG A 131 -23.62 -1.07 13.09
CA ARG A 131 -24.36 -0.89 14.34
C ARG A 131 -23.71 -1.40 15.56
N SER A 132 -22.62 -2.15 15.49
CA SER A 132 -22.05 -2.82 16.57
C SER A 132 -20.50 -2.96 16.30
N TRP A 133 -19.80 -3.31 17.33
CA TRP A 133 -18.32 -3.37 17.32
C TRP A 133 -17.85 -4.71 17.78
N THR A 134 -16.71 -5.14 17.23
CA THR A 134 -15.96 -6.26 17.74
C THR A 134 -14.61 -5.79 18.33
N ALA A 135 -14.40 -6.04 19.61
CA ALA A 135 -13.19 -5.78 20.32
C ALA A 135 -12.25 -6.99 20.25
N ALA A 136 -10.98 -6.78 19.99
CA ALA A 136 -10.07 -7.92 19.88
C ALA A 136 -9.57 -8.45 21.24
N ASP A 137 -9.64 -7.67 22.30
CA ASP A 137 -9.04 -8.02 23.59
C ASP A 137 -9.72 -7.25 24.72
N MET A 138 -9.30 -7.47 25.97
CA MET A 138 -9.96 -6.84 27.11
C MET A 138 -9.77 -5.31 27.14
N ALA A 139 -8.65 -4.81 26.62
CA ALA A 139 -8.45 -3.35 26.60
C ALA A 139 -9.43 -2.72 25.61
N ALA A 140 -9.58 -3.32 24.45
CA ALA A 140 -10.54 -2.81 23.46
C ALA A 140 -12.03 -2.92 23.85
N GLN A 141 -12.29 -3.90 24.75
CA GLN A 141 -13.64 -3.94 25.37
C GLN A 141 -13.98 -2.73 26.17
N ILE A 142 -12.97 -2.08 26.76
CA ILE A 142 -13.17 -0.79 27.46
C ILE A 142 -13.61 0.24 26.43
N THR A 143 -12.86 0.31 25.31
CA THR A 143 -13.28 1.20 24.24
C THR A 143 -14.67 0.92 23.67
N LYS A 144 -14.96 -0.35 23.40
CA LYS A 144 -16.23 -0.78 22.93
C LYS A 144 -17.39 -0.26 23.84
N ARG A 145 -17.25 -0.41 25.13
CA ARG A 145 -18.32 0.08 26.08
C ARG A 145 -18.49 1.59 26.00
N LYS A 146 -17.39 2.31 25.86
CA LYS A 146 -17.49 3.77 25.66
C LYS A 146 -18.16 4.16 24.41
N TRP A 147 -17.85 3.44 23.32
CA TRP A 147 -18.34 3.75 22.05
C TRP A 147 -19.84 3.40 21.87
N GLU A 148 -20.24 2.35 22.57
CA GLU A 148 -21.70 2.04 22.61
C GLU A 148 -22.40 3.19 23.38
N ALA A 149 -21.85 3.58 24.52
CA ALA A 149 -22.47 4.71 25.32
C ALA A 149 -22.50 6.00 24.52
N ALA A 150 -21.53 6.21 23.62
CA ALA A 150 -21.47 7.39 22.80
C ALA A 150 -22.25 7.35 21.53
N HIS A 151 -22.90 6.21 21.21
CA HIS A 151 -23.56 6.05 19.96
C HIS A 151 -22.68 6.27 18.76
N ALA A 152 -21.42 5.82 18.88
CA ALA A 152 -20.38 6.15 17.84
C ALA A 152 -20.75 5.39 16.55
N ALA A 153 -21.31 4.16 16.67
CA ALA A 153 -21.64 3.45 15.46
C ALA A 153 -22.60 4.25 14.56
N GLU A 154 -23.58 4.93 15.16
CA GLU A 154 -24.49 5.74 14.32
C GLU A 154 -23.82 6.82 13.56
N GLN A 155 -22.82 7.51 14.14
CA GLN A 155 -22.12 8.59 13.44
CA GLN A 155 -22.09 8.57 13.46
C GLN A 155 -21.27 8.01 12.27
N GLN A 156 -20.67 6.86 12.51
CA GLN A 156 -19.91 6.16 11.46
C GLN A 156 -20.80 5.70 10.33
N ARG A 157 -21.92 5.08 10.69
CA ARG A 157 -22.90 4.65 9.67
C ARG A 157 -23.40 5.78 8.80
N ALA A 158 -23.70 6.93 9.41
CA ALA A 158 -24.19 8.08 8.68
C ALA A 158 -23.21 8.56 7.68
N TYR A 159 -21.93 8.54 8.04
CA TYR A 159 -20.88 8.94 7.10
C TYR A 159 -20.72 7.89 5.98
N LEU A 160 -20.64 6.65 6.38
CA LEU A 160 -20.27 5.56 5.42
C LEU A 160 -21.37 5.32 4.37
N GLU A 161 -22.63 5.52 4.79
CA GLU A 161 -23.78 5.35 3.88
C GLU A 161 -24.16 6.66 3.18
N GLY A 162 -23.56 7.76 3.59
CA GLY A 162 -23.84 9.09 3.11
C GLY A 162 -22.73 9.75 2.40
N ARG A 163 -22.05 10.66 3.08
CA ARG A 163 -20.97 11.45 2.55
C ARG A 163 -19.93 10.55 1.81
N CYS A 164 -19.60 9.43 2.42
CA CYS A 164 -18.54 8.54 1.84
C CYS A 164 -18.91 8.21 0.38
N VAL A 165 -20.13 7.72 0.24
CA VAL A 165 -20.63 7.22 -1.04
C VAL A 165 -20.81 8.36 -1.99
N GLU A 166 -21.35 9.47 -1.48
CA GLU A 166 -21.53 10.64 -2.37
C GLU A 166 -20.26 11.23 -3.00
N TRP A 167 -19.21 11.29 -2.19
CA TRP A 167 -17.96 11.77 -2.63
C TRP A 167 -17.24 10.69 -3.49
N LEU A 168 -17.39 9.41 -3.17
CA LEU A 168 -16.79 8.38 -4.03
C LEU A 168 -17.42 8.55 -5.46
N ARG A 169 -18.74 8.72 -5.54
CA ARG A 169 -19.38 8.99 -6.84
C ARG A 169 -18.87 10.17 -7.53
N ARG A 170 -18.74 11.30 -6.85
CA ARG A 170 -18.15 12.44 -7.47
C ARG A 170 -16.76 12.21 -8.02
N TYR A 171 -15.91 11.56 -7.20
CA TYR A 171 -14.52 11.35 -7.70
C TYR A 171 -14.54 10.44 -8.96
N LEU A 172 -15.33 9.42 -8.94
CA LEU A 172 -15.49 8.47 -10.10
C LEU A 172 -15.91 9.19 -11.34
N GLU A 173 -16.76 10.23 -11.18
CA GLU A 173 -17.13 11.06 -12.36
C GLU A 173 -16.01 11.98 -12.78
N ASN A 174 -15.49 12.83 -11.88
CA ASN A 174 -14.43 13.75 -12.14
C ASN A 174 -13.12 13.11 -12.63
N GLY A 175 -12.79 11.95 -12.08
CA GLY A 175 -11.59 11.25 -12.53
C GLY A 175 -11.85 10.10 -13.47
N LYS A 176 -13.00 10.12 -14.14
CA LYS A 176 -13.46 9.00 -14.92
C LYS A 176 -12.40 8.43 -15.92
N GLU A 177 -11.61 9.32 -16.48
CA GLU A 177 -10.79 8.99 -17.65
C GLU A 177 -9.73 8.01 -17.22
N THR A 178 -9.27 8.20 -15.98
CA THR A 178 -8.27 7.34 -15.36
C THR A 178 -8.82 6.34 -14.34
N LEU A 179 -9.80 6.73 -13.51
CA LEU A 179 -10.36 5.78 -12.63
C LEU A 179 -11.18 4.68 -13.22
N GLN A 180 -11.89 4.93 -14.32
CA GLN A 180 -12.75 3.93 -14.87
C GLN A 180 -12.06 3.18 -16.03
N ARG A 181 -10.75 3.31 -16.17
CA ARG A 181 -9.98 2.73 -17.24
C ARG A 181 -9.53 1.36 -16.66
N THR A 182 -9.34 0.38 -17.51
CA THR A 182 -8.52 -0.80 -17.11
C THR A 182 -7.34 -0.78 -18.05
N ASP A 183 -6.13 -1.12 -17.56
CA ASP A 183 -4.97 -1.13 -18.43
C ASP A 183 -4.53 -2.58 -18.33
N PRO A 184 -4.65 -3.39 -19.39
CA PRO A 184 -4.31 -4.82 -19.28
C PRO A 184 -2.80 -4.96 -19.17
N PRO A 185 -2.37 -6.10 -18.58
CA PRO A 185 -0.95 -6.33 -18.51
C PRO A 185 -0.29 -6.55 -19.89
N LYS A 186 0.93 -6.03 -19.99
CA LYS A 186 1.83 -6.32 -21.11
C LYS A 186 2.74 -7.45 -20.59
N THR A 187 2.78 -8.56 -21.26
CA THR A 187 3.45 -9.76 -20.68
C THR A 187 4.65 -10.16 -21.51
N HIS A 188 5.62 -10.78 -20.85
CA HIS A 188 6.73 -11.40 -21.56
C HIS A 188 7.28 -12.49 -20.69
N MET A 189 8.20 -13.30 -21.25
CA MET A 189 8.87 -14.36 -20.48
C MET A 189 10.33 -14.12 -20.55
N THR A 190 11.04 -14.50 -19.50
CA THR A 190 12.55 -14.60 -19.48
C THR A 190 12.96 -16.00 -19.14
N HIS A 191 14.18 -16.35 -19.54
CA HIS A 191 14.64 -17.71 -19.43
C HIS A 191 16.14 -17.70 -19.15
N HIS A 192 16.57 -18.31 -18.07
CA HIS A 192 17.99 -18.32 -17.68
C HIS A 192 18.37 -19.69 -17.17
N PRO A 193 19.33 -20.32 -17.82
CA PRO A 193 19.98 -21.50 -17.20
C PRO A 193 20.61 -21.16 -15.94
N ILE A 194 20.48 -22.06 -14.95
CA ILE A 194 21.11 -21.86 -13.64
C ILE A 194 22.12 -22.96 -13.29
N SER A 195 22.14 -23.99 -14.05
CA SER A 195 23.08 -25.13 -13.84
C SER A 195 23.03 -25.92 -15.08
N ASP A 196 23.75 -27.08 -15.17
CA ASP A 196 23.67 -27.90 -16.34
C ASP A 196 22.41 -28.73 -16.40
N HIS A 197 21.53 -28.55 -15.38
CA HIS A 197 20.29 -29.36 -15.37
C HIS A 197 18.97 -28.61 -15.07
N GLU A 198 19.09 -27.34 -14.76
CA GLU A 198 17.92 -26.46 -14.41
C GLU A 198 18.00 -25.14 -15.10
N ALA A 199 16.83 -24.56 -15.36
CA ALA A 199 16.69 -23.25 -15.84
C ALA A 199 15.51 -22.55 -15.20
N THR A 200 15.58 -21.28 -15.11
CA THR A 200 14.49 -20.46 -14.54
C THR A 200 13.65 -19.91 -15.66
N LEU A 201 12.32 -20.03 -15.61
CA LEU A 201 11.43 -19.30 -16.44
C LEU A 201 10.72 -18.25 -15.60
N ARG A 202 10.63 -17.03 -16.05
CA ARG A 202 9.93 -15.99 -15.31
C ARG A 202 8.91 -15.32 -16.21
N CYS A 203 7.67 -15.27 -15.73
CA CYS A 203 6.50 -14.76 -16.43
C CYS A 203 6.25 -13.38 -15.83
N TRP A 204 6.28 -12.34 -16.66
CA TRP A 204 6.16 -10.98 -16.29
C TRP A 204 4.82 -10.38 -16.75
N ALA A 205 4.26 -9.54 -15.85
CA ALA A 205 3.08 -8.68 -16.17
C ALA A 205 3.41 -7.29 -15.82
N LEU A 206 3.37 -6.34 -16.82
CA LEU A 206 3.77 -4.98 -16.61
C LEU A 206 2.67 -4.02 -17.03
N GLY A 207 2.64 -2.86 -16.41
CA GLY A 207 1.78 -1.78 -16.88
C GLY A 207 0.31 -1.94 -16.65
N PHE A 208 -0.14 -2.68 -15.65
CA PHE A 208 -1.57 -3.04 -15.52
C PHE A 208 -2.23 -2.20 -14.42
N TYR A 209 -3.58 -2.06 -14.54
CA TYR A 209 -4.39 -1.31 -13.57
C TYR A 209 -5.79 -1.86 -13.72
N PRO A 210 -6.48 -2.28 -12.67
CA PRO A 210 -6.10 -2.11 -11.28
C PRO A 210 -5.09 -3.20 -10.87
N ALA A 211 -4.69 -3.14 -9.64
CA ALA A 211 -3.58 -4.06 -9.18
C ALA A 211 -3.91 -5.49 -9.12
N GLU A 212 -5.16 -5.88 -8.88
CA GLU A 212 -5.53 -7.26 -8.78
C GLU A 212 -5.16 -8.05 -10.06
N ILE A 213 -4.40 -9.12 -9.87
CA ILE A 213 -3.95 -9.95 -10.99
C ILE A 213 -3.67 -11.31 -10.44
N THR A 214 -3.75 -12.34 -11.28
CA THR A 214 -3.32 -13.64 -10.92
C THR A 214 -2.31 -14.18 -12.00
N LEU A 215 -1.17 -14.67 -11.50
CA LEU A 215 -0.21 -15.33 -12.35
C LEU A 215 -0.05 -16.75 -11.82
N THR A 216 -0.17 -17.77 -12.65
CA THR A 216 -0.04 -19.15 -12.21
C THR A 216 0.81 -19.96 -13.18
N TRP A 217 1.80 -20.70 -12.68
CA TRP A 217 2.54 -21.63 -13.49
C TRP A 217 1.83 -22.98 -13.45
N GLN A 218 1.77 -23.67 -14.56
CA GLN A 218 1.28 -25.03 -14.72
C GLN A 218 2.39 -25.87 -15.36
N ARG A 219 2.43 -27.17 -15.01
CA ARG A 219 3.17 -28.20 -15.69
C ARG A 219 2.14 -29.21 -16.15
N ASP A 220 2.19 -29.57 -17.40
CA ASP A 220 1.25 -30.58 -18.02
C ASP A 220 -0.19 -30.16 -17.67
N GLY A 221 -0.50 -28.88 -17.77
CA GLY A 221 -1.84 -28.38 -17.54
C GLY A 221 -2.31 -28.35 -16.10
N GLU A 222 -1.44 -28.58 -15.15
CA GLU A 222 -1.78 -28.51 -13.73
C GLU A 222 -1.07 -27.42 -13.00
N ASP A 223 -1.79 -26.55 -12.28
CA ASP A 223 -1.17 -25.52 -11.48
C ASP A 223 -0.10 -26.10 -10.54
N GLN A 224 1.04 -25.47 -10.45
CA GLN A 224 2.19 -25.90 -9.62
C GLN A 224 2.71 -24.85 -8.72
N THR A 225 3.19 -25.24 -7.53
CA THR A 225 3.98 -24.39 -6.67
C THR A 225 5.35 -24.88 -6.35
N GLN A 226 5.64 -26.16 -6.66
CA GLN A 226 7.00 -26.70 -6.47
C GLN A 226 8.00 -25.78 -7.17
N ASP A 227 9.03 -25.33 -6.47
CA ASP A 227 10.13 -24.57 -7.15
C ASP A 227 9.61 -23.33 -7.87
N THR A 228 8.58 -22.72 -7.30
CA THR A 228 8.06 -21.41 -7.78
C THR A 228 8.31 -20.28 -6.83
N GLU A 229 8.35 -19.05 -7.39
CA GLU A 229 8.45 -17.84 -6.57
C GLU A 229 7.50 -16.85 -7.19
N LEU A 230 6.65 -16.22 -6.39
CA LEU A 230 5.73 -15.20 -6.84
C LEU A 230 6.04 -14.00 -6.01
N VAL A 231 6.33 -12.82 -6.57
CA VAL A 231 6.56 -11.61 -5.78
C VAL A 231 5.29 -10.86 -5.52
N GLU A 232 5.32 -9.96 -4.52
CA GLU A 232 4.19 -9.12 -4.29
C GLU A 232 4.03 -8.18 -5.46
N THR A 233 2.76 -7.93 -5.81
CA THR A 233 2.48 -6.92 -6.82
C THR A 233 3.00 -5.61 -6.36
N ARG A 234 3.64 -4.87 -7.22
CA ARG A 234 4.42 -3.72 -6.87
C ARG A 234 4.08 -2.52 -7.80
N PRO A 235 4.17 -1.29 -7.30
CA PRO A 235 3.88 -0.12 -8.09
C PRO A 235 5.01 0.19 -9.08
N ALA A 236 4.64 0.48 -10.34
CA ALA A 236 5.61 0.98 -11.32
C ALA A 236 6.12 2.39 -11.03
N GLY A 237 5.28 3.17 -10.37
CA GLY A 237 5.50 4.57 -10.03
C GLY A 237 4.74 5.59 -10.90
N ASP A 238 4.06 5.10 -11.91
CA ASP A 238 3.30 5.89 -12.89
C ASP A 238 1.86 5.62 -12.81
N GLY A 239 1.42 4.96 -11.75
CA GLY A 239 0.09 4.61 -11.56
C GLY A 239 -0.32 3.23 -11.99
N THR A 240 0.60 2.52 -12.56
CA THR A 240 0.30 1.11 -12.91
C THR A 240 1.13 0.14 -12.02
N PHE A 241 0.91 -1.13 -12.20
CA PHE A 241 1.45 -2.16 -11.35
C PHE A 241 2.25 -3.16 -12.17
N GLN A 242 2.99 -3.97 -11.41
CA GLN A 242 3.89 -5.00 -12.00
C GLN A 242 3.86 -6.22 -11.13
N LYS A 243 4.06 -7.40 -11.72
CA LYS A 243 4.20 -8.63 -10.96
C LYS A 243 4.97 -9.62 -11.78
N TRP A 244 5.69 -10.55 -11.17
CA TRP A 244 6.23 -11.66 -11.87
C TRP A 244 6.09 -12.95 -11.08
N ALA A 245 6.17 -14.07 -11.80
CA ALA A 245 6.12 -15.39 -11.18
C ALA A 245 7.21 -16.19 -11.89
N ALA A 246 8.01 -16.92 -11.12
CA ALA A 246 9.08 -17.72 -11.67
C ALA A 246 8.98 -19.17 -11.24
N VAL A 247 9.54 -20.04 -12.12
CA VAL A 247 9.60 -21.48 -11.84
C VAL A 247 10.96 -22.00 -12.31
N VAL A 248 11.54 -22.86 -11.49
CA VAL A 248 12.76 -23.60 -11.87
C VAL A 248 12.37 -24.91 -12.51
N VAL A 249 12.83 -25.15 -13.72
CA VAL A 249 12.40 -26.29 -14.51
C VAL A 249 13.63 -27.18 -14.88
N PRO A 250 13.40 -28.48 -15.06
CA PRO A 250 14.48 -29.35 -15.62
C PRO A 250 14.83 -28.88 -17.04
N SER A 251 16.13 -28.72 -17.35
CA SER A 251 16.57 -28.32 -18.69
C SER A 251 16.02 -29.23 -19.72
N GLY A 252 15.45 -28.64 -20.74
CA GLY A 252 14.86 -29.29 -21.83
C GLY A 252 13.41 -29.54 -21.70
N GLU A 253 12.86 -29.25 -20.49
CA GLU A 253 11.41 -29.46 -20.26
C GLU A 253 10.62 -28.17 -20.22
N GLU A 254 11.18 -27.06 -20.69
CA GLU A 254 10.46 -25.77 -20.69
C GLU A 254 9.11 -25.84 -21.33
N GLN A 255 8.98 -26.62 -22.43
CA GLN A 255 7.73 -26.63 -23.16
C GLN A 255 6.57 -27.35 -22.40
N ARG A 256 6.86 -28.00 -21.28
CA ARG A 256 5.80 -28.56 -20.47
C ARG A 256 5.11 -27.52 -19.57
N TYR A 257 5.66 -26.32 -19.50
CA TYR A 257 5.21 -25.31 -18.57
C TYR A 257 4.40 -24.20 -19.27
N THR A 258 3.34 -23.73 -18.64
CA THR A 258 2.60 -22.58 -19.10
C THR A 258 2.33 -21.62 -17.97
N CYS A 259 2.40 -20.33 -18.29
CA CYS A 259 2.02 -19.29 -17.36
C CYS A 259 0.68 -18.73 -17.75
N HIS A 260 -0.21 -18.65 -16.79
CA HIS A 260 -1.59 -18.18 -17.01
C HIS A 260 -1.76 -16.88 -16.35
N VAL A 261 -2.25 -15.88 -17.09
CA VAL A 261 -2.38 -14.53 -16.63
C VAL A 261 -3.88 -14.16 -16.63
N GLN A 262 -4.37 -13.75 -15.47
CA GLN A 262 -5.77 -13.30 -15.30
C GLN A 262 -5.78 -11.88 -14.84
N HIS A 263 -6.58 -11.01 -15.52
CA HIS A 263 -6.67 -9.65 -15.15
C HIS A 263 -8.00 -9.11 -15.71
N GLU A 264 -8.63 -8.18 -15.00
CA GLU A 264 -9.90 -7.61 -15.50
C GLU A 264 -9.77 -6.97 -16.89
N GLY A 265 -8.61 -6.43 -17.32
CA GLY A 265 -8.45 -5.74 -18.54
C GLY A 265 -8.27 -6.65 -19.71
N LEU A 266 -8.19 -7.96 -19.46
CA LEU A 266 -7.97 -8.92 -20.54
C LEU A 266 -9.37 -9.38 -21.03
N PRO A 267 -9.59 -9.37 -22.33
CA PRO A 267 -10.73 -10.12 -22.93
C PRO A 267 -10.84 -11.59 -22.48
N LYS A 268 -9.72 -12.37 -22.48
CA LYS A 268 -9.70 -13.72 -21.96
C LYS A 268 -8.29 -13.91 -21.27
N PRO A 269 -8.19 -14.81 -20.34
CA PRO A 269 -6.86 -15.08 -19.70
C PRO A 269 -5.82 -15.47 -20.74
N LEU A 270 -4.57 -15.09 -20.52
CA LEU A 270 -3.48 -15.37 -21.41
C LEU A 270 -2.78 -16.60 -20.98
N THR A 271 -2.29 -17.38 -21.96
CA THR A 271 -1.46 -18.57 -21.68
C THR A 271 -0.15 -18.28 -22.35
N LEU A 272 0.97 -18.25 -21.60
CA LEU A 272 2.23 -18.00 -22.17
CA LEU A 272 2.28 -18.00 -22.19
C LEU A 272 3.11 -19.27 -22.07
N ARG A 273 3.87 -19.55 -23.09
CA ARG A 273 4.75 -20.75 -23.09
C ARG A 273 6.09 -20.32 -23.69
N TRP A 274 7.22 -20.80 -23.20
CA TRP A 274 8.52 -20.51 -23.79
C TRP A 274 8.66 -21.35 -25.06
N ILE B 1 4.84 -7.09 18.13
CA ILE B 1 5.06 -7.90 16.87
C ILE B 1 5.94 -7.09 15.93
N GLN B 2 6.97 -7.69 15.41
CA GLN B 2 7.74 -7.05 14.34
C GLN B 2 7.66 -7.90 13.07
N ARG B 3 7.68 -7.23 11.93
CA ARG B 3 7.61 -7.92 10.63
C ARG B 3 8.64 -7.33 9.76
N THR B 4 9.43 -8.23 9.16
CA THR B 4 10.54 -7.74 8.38
C THR B 4 10.07 -7.32 6.99
N PRO B 5 10.74 -6.33 6.39
CA PRO B 5 10.31 -5.90 5.08
C PRO B 5 10.67 -6.94 3.95
N LYS B 6 9.74 -7.03 3.03
CA LYS B 6 9.99 -7.64 1.75
C LYS B 6 10.52 -6.57 0.83
N ILE B 7 11.62 -6.80 0.12
CA ILE B 7 12.29 -5.76 -0.56
C ILE B 7 12.40 -6.13 -2.05
N GLN B 8 12.01 -5.21 -2.92
CA GLN B 8 12.21 -5.40 -4.36
C GLN B 8 12.82 -4.16 -4.91
N VAL B 9 13.89 -4.33 -5.69
CA VAL B 9 14.56 -3.27 -6.41
C VAL B 9 14.48 -3.56 -7.93
N TYR B 10 13.98 -2.55 -8.64
CA TYR B 10 13.57 -2.74 -10.03
C TYR B 10 13.44 -1.47 -10.75
N SER B 11 13.55 -1.55 -12.11
CA SER B 11 13.27 -0.34 -12.92
C SER B 11 11.80 -0.31 -13.39
N ARG B 12 11.30 0.89 -13.55
CA ARG B 12 9.92 1.10 -14.02
C ARG B 12 9.70 0.35 -15.36
N HIS B 13 10.63 0.57 -16.29
CA HIS B 13 10.65 -0.10 -17.57
C HIS B 13 11.81 -1.02 -17.69
N PRO B 14 11.72 -2.07 -18.54
CA PRO B 14 12.92 -2.85 -18.80
C PRO B 14 14.05 -2.03 -19.24
N ALA B 15 15.20 -2.27 -18.66
CA ALA B 15 16.28 -1.37 -18.80
C ALA B 15 16.95 -1.42 -20.21
N GLU B 16 17.37 -0.25 -20.68
CA GLU B 16 18.13 -0.10 -21.96
C GLU B 16 19.17 1.00 -21.69
N ASN B 17 20.43 0.63 -21.85
CA ASN B 17 21.54 1.55 -21.64
C ASN B 17 21.35 2.78 -22.41
N GLY B 18 21.56 3.88 -21.67
CA GLY B 18 21.35 5.19 -22.24
C GLY B 18 19.98 5.74 -22.34
N LYS B 19 18.91 4.99 -21.95
CA LYS B 19 17.58 5.46 -22.02
C LYS B 19 17.09 5.79 -20.62
N SER B 20 16.51 6.93 -20.46
CA SER B 20 16.07 7.37 -19.16
C SER B 20 14.96 6.48 -18.64
N ASN B 21 14.95 6.32 -17.31
CA ASN B 21 14.06 5.32 -16.68
C ASN B 21 13.90 5.79 -15.20
N PHE B 22 13.25 4.97 -14.36
CA PHE B 22 13.13 5.18 -12.90
C PHE B 22 13.60 3.96 -12.21
N LEU B 23 14.43 4.16 -11.18
CA LEU B 23 14.89 3.10 -10.33
C LEU B 23 14.01 3.13 -9.04
N ASN B 24 13.39 1.98 -8.75
CA ASN B 24 12.44 1.82 -7.63
C ASN B 24 13.00 0.85 -6.59
N CYS B 25 12.66 1.15 -5.33
CA CYS B 25 12.84 0.17 -4.24
C CYS B 25 11.52 0.13 -3.49
N TYR B 26 10.81 -0.98 -3.60
CA TYR B 26 9.53 -1.15 -2.94
C TYR B 26 9.72 -2.02 -1.71
N VAL B 27 9.35 -1.47 -0.53
CA VAL B 27 9.45 -2.20 0.68
C VAL B 27 8.04 -2.45 1.20
N SER B 28 7.71 -3.68 1.54
CA SER B 28 6.33 -3.95 1.90
C SER B 28 6.28 -4.95 3.05
N GLY B 29 5.16 -5.11 3.74
CA GLY B 29 5.03 -6.11 4.76
C GLY B 29 5.77 -5.95 6.03
N PHE B 30 6.10 -4.71 6.37
CA PHE B 30 6.92 -4.43 7.55
C PHE B 30 6.17 -3.78 8.72
N HIS B 31 6.69 -3.94 9.93
CA HIS B 31 6.15 -3.31 11.10
C HIS B 31 7.26 -3.34 12.11
N PRO B 32 7.56 -2.24 12.82
CA PRO B 32 6.92 -0.95 12.79
C PRO B 32 7.28 -0.11 11.56
N SER B 33 6.67 1.08 11.41
CA SER B 33 6.82 1.88 10.23
C SER B 33 8.18 2.58 10.12
N ASP B 34 8.97 2.72 11.23
CA ASP B 34 10.24 3.43 11.15
C ASP B 34 11.17 2.57 10.25
N ILE B 35 11.63 3.18 9.18
CA ILE B 35 12.51 2.49 8.16
C ILE B 35 13.33 3.54 7.45
N GLU B 36 14.53 3.18 7.01
CA GLU B 36 15.36 4.02 6.22
C GLU B 36 15.75 3.26 4.97
N VAL B 37 15.49 3.86 3.81
CA VAL B 37 15.73 3.18 2.53
C VAL B 37 16.58 4.10 1.69
N ASP B 38 17.72 3.63 1.19
CA ASP B 38 18.56 4.40 0.31
C ASP B 38 18.79 3.65 -0.95
N LEU B 39 18.85 4.39 -2.06
CA LEU B 39 19.28 3.84 -3.32
C LEU B 39 20.79 4.16 -3.51
N LEU B 40 21.54 3.18 -3.96
CA LEU B 40 22.99 3.26 -4.09
C LEU B 40 23.40 3.10 -5.54
N LYS B 41 24.32 3.97 -5.97
CA LYS B 41 24.97 3.84 -7.32
C LYS B 41 26.45 3.57 -7.08
N ASN B 42 26.95 2.42 -7.50
CA ASN B 42 28.33 1.99 -7.27
C ASN B 42 28.68 2.16 -5.81
N GLY B 43 27.79 1.75 -4.91
CA GLY B 43 28.03 1.84 -3.48
C GLY B 43 27.79 3.12 -2.79
N GLU B 44 27.49 4.19 -3.53
CA GLU B 44 27.29 5.50 -2.96
C GLU B 44 25.82 5.87 -2.90
N ARG B 45 25.38 6.45 -1.80
CA ARG B 45 24.01 6.85 -1.65
CA ARG B 45 24.02 6.86 -1.62
C ARG B 45 23.60 7.97 -2.61
N ILE B 46 22.52 7.74 -3.33
CA ILE B 46 21.97 8.71 -4.28
C ILE B 46 21.22 9.76 -3.49
N GLU B 47 21.49 11.04 -3.81
CA GLU B 47 20.89 12.13 -3.11
C GLU B 47 19.46 12.44 -3.45
N LYS B 48 19.06 12.34 -4.65
CA LYS B 48 17.70 12.85 -4.84
C LYS B 48 16.77 11.65 -4.98
N VAL B 49 16.27 11.20 -3.84
CA VAL B 49 15.39 10.02 -3.81
C VAL B 49 14.15 10.44 -3.18
N GLU B 50 13.03 10.11 -3.81
CA GLU B 50 11.74 10.49 -3.27
C GLU B 50 11.05 9.26 -2.78
N HIS B 51 10.01 9.44 -2.00
CA HIS B 51 9.24 8.25 -1.60
C HIS B 51 7.76 8.53 -1.47
N SER B 52 6.98 7.47 -1.51
CA SER B 52 5.56 7.54 -1.40
C SER B 52 5.12 7.84 -0.01
N ASP B 53 3.84 8.21 0.13
CA ASP B 53 3.24 8.43 1.40
C ASP B 53 2.92 7.07 2.12
N LEU B 54 3.30 6.99 3.40
CA LEU B 54 3.10 5.79 4.18
C LEU B 54 1.68 5.24 4.16
N SER B 55 1.49 4.02 3.75
CA SER B 55 0.22 3.34 3.76
C SER B 55 0.37 1.89 4.26
N PHE B 56 -0.69 1.19 4.39
CA PHE B 56 -0.67 -0.14 4.92
C PHE B 56 -1.73 -1.04 4.31
N SER B 57 -1.47 -2.31 4.49
CA SER B 57 -2.25 -3.43 3.94
C SER B 57 -3.27 -3.92 4.88
N LYS B 58 -4.01 -4.93 4.41
CA LYS B 58 -5.04 -5.51 5.25
C LYS B 58 -4.57 -6.17 6.56
N ASP B 59 -3.32 -6.66 6.65
CA ASP B 59 -2.77 -7.19 7.80
C ASP B 59 -2.00 -6.19 8.70
N TRP B 60 -2.22 -4.91 8.41
CA TRP B 60 -1.70 -3.77 9.10
C TRP B 60 -0.22 -3.49 8.78
N SER B 61 0.38 -4.35 7.94
CA SER B 61 1.78 -4.10 7.62
C SER B 61 1.90 -2.96 6.64
N PHE B 62 3.00 -2.24 6.69
CA PHE B 62 3.27 -1.09 5.92
C PHE B 62 3.90 -1.33 4.59
N TYR B 63 3.75 -0.40 3.69
CA TYR B 63 4.49 -0.35 2.43
C TYR B 63 4.89 1.04 1.95
N LEU B 64 6.02 1.17 1.26
CA LEU B 64 6.53 2.36 0.72
C LEU B 64 7.31 2.12 -0.56
N LEU B 65 7.23 3.04 -1.48
CA LEU B 65 8.02 3.06 -2.67
C LEU B 65 9.01 4.19 -2.59
N TYR B 66 10.27 3.89 -2.83
CA TYR B 66 11.32 4.87 -2.98
C TYR B 66 11.79 4.89 -4.42
N TYR B 67 12.08 6.06 -4.98
CA TYR B 67 12.33 6.05 -6.41
C TYR B 67 13.16 7.28 -6.82
N THR B 68 13.87 7.12 -7.93
CA THR B 68 14.66 8.17 -8.50
C THR B 68 14.72 7.96 -10.03
N GLU B 69 14.72 9.08 -10.76
CA GLU B 69 15.04 9.06 -12.21
C GLU B 69 16.49 8.68 -12.41
N PHE B 70 16.79 7.84 -13.38
CA PHE B 70 18.14 7.47 -13.71
C PHE B 70 18.20 7.07 -15.18
N THR B 71 19.41 7.06 -15.67
CA THR B 71 19.79 6.50 -16.96
C THR B 71 20.78 5.35 -16.79
N PRO B 72 20.32 4.08 -16.96
CA PRO B 72 21.26 2.93 -16.80
C PRO B 72 22.42 2.96 -17.82
N THR B 73 23.58 2.47 -17.39
CA THR B 73 24.66 2.20 -18.29
C THR B 73 25.24 0.83 -18.06
N GLU B 74 26.14 0.34 -18.91
CA GLU B 74 26.70 -0.94 -18.69
C GLU B 74 27.49 -1.05 -17.41
N LYS B 75 28.18 -0.02 -17.04
CA LYS B 75 29.17 -0.16 -15.98
C LYS B 75 28.60 0.18 -14.56
N ASP B 76 27.53 0.94 -14.49
CA ASP B 76 26.98 1.39 -13.17
C ASP B 76 26.12 0.27 -12.49
N GLU B 77 26.37 0.04 -11.24
CA GLU B 77 25.74 -1.01 -10.46
C GLU B 77 24.79 -0.20 -9.52
N TYR B 78 23.60 -0.71 -9.36
CA TYR B 78 22.65 -0.08 -8.45
C TYR B 78 22.17 -1.10 -7.42
N ALA B 79 21.77 -0.53 -6.24
CA ALA B 79 21.29 -1.37 -5.14
C ALA B 79 20.39 -0.56 -4.25
N CYS B 80 19.63 -1.26 -3.40
CA CYS B 80 18.79 -0.54 -2.43
C CYS B 80 19.31 -1.04 -1.08
N ARG B 81 19.42 -0.15 -0.11
CA ARG B 81 19.87 -0.52 1.25
C ARG B 81 18.74 -0.17 2.22
N VAL B 82 18.28 -1.17 2.88
CA VAL B 82 17.12 -1.05 3.76
C VAL B 82 17.56 -1.30 5.24
N ASN B 83 17.21 -0.32 6.10
CA ASN B 83 17.57 -0.30 7.54
C ASN B 83 16.31 -0.34 8.34
N HIS B 84 16.14 -1.40 9.12
CA HIS B 84 14.92 -1.66 9.84
C HIS B 84 15.29 -2.39 11.10
N VAL B 85 14.47 -2.19 12.15
CA VAL B 85 14.76 -2.82 13.42
C VAL B 85 14.83 -4.32 13.36
N THR B 86 14.13 -4.95 12.42
CA THR B 86 14.18 -6.35 12.22
C THR B 86 15.43 -6.91 11.56
N LEU B 87 16.29 -6.05 11.07
CA LEU B 87 17.49 -6.43 10.28
C LEU B 87 18.71 -6.07 11.08
N SER B 88 19.48 -7.09 11.51
CA SER B 88 20.65 -6.81 12.36
CA SER B 88 20.64 -6.78 12.36
C SER B 88 21.63 -5.86 11.68
N GLN B 89 21.80 -5.97 10.38
CA GLN B 89 22.55 -5.14 9.60
C GLN B 89 21.60 -4.72 8.42
N PRO B 90 21.80 -3.54 7.88
CA PRO B 90 20.99 -3.15 6.71
C PRO B 90 21.10 -4.16 5.61
N LYS B 91 19.95 -4.45 4.97
CA LYS B 91 19.98 -5.39 3.86
C LYS B 91 20.20 -4.64 2.56
N ILE B 92 21.18 -5.06 1.74
CA ILE B 92 21.55 -4.41 0.53
C ILE B 92 21.19 -5.40 -0.60
N VAL B 93 20.24 -4.99 -1.42
CA VAL B 93 19.74 -5.85 -2.54
C VAL B 93 20.20 -5.18 -3.81
N LYS B 94 20.94 -5.94 -4.63
CA LYS B 94 21.44 -5.43 -5.91
C LYS B 94 20.36 -5.52 -6.97
N TRP B 95 20.33 -4.52 -7.84
CA TRP B 95 19.41 -4.46 -8.99
C TRP B 95 19.85 -5.49 -10.05
N ASP B 96 18.95 -6.41 -10.44
CA ASP B 96 19.22 -7.37 -11.52
C ASP B 96 18.25 -7.08 -12.68
N ARG B 97 18.85 -6.51 -13.70
CA ARG B 97 18.07 -5.87 -14.74
C ARG B 97 17.62 -6.82 -15.74
N ASP B 98 18.26 -8.01 -15.76
CA ASP B 98 17.82 -9.07 -16.70
C ASP B 98 16.78 -10.09 -16.06
N MET B 99 16.15 -9.78 -14.93
CA MET B 99 15.26 -10.86 -14.44
C MET B 99 14.24 -11.28 -15.51
N ALA C 1 -13.74 12.38 0.40
CA ALA C 1 -13.79 13.30 1.54
C ALA C 1 -13.87 12.51 2.86
N THR C 2 -13.01 12.90 3.80
CA THR C 2 -12.86 12.28 5.06
C THR C 2 -14.05 12.45 5.94
N ILE C 3 -14.15 11.55 6.88
CA ILE C 3 -15.13 11.70 7.94
C ILE C 3 -14.72 12.86 8.84
N GLY C 4 -15.74 13.56 9.36
CA GLY C 4 -15.48 14.57 10.41
C GLY C 4 -16.45 15.69 10.22
N THR C 5 -16.76 15.93 8.93
CA THR C 5 -17.75 16.88 8.36
C THR C 5 -19.18 16.31 8.52
N ALA D 1 -18.58 12.23 20.27
CA ALA D 1 -17.08 12.35 20.44
C ALA D 1 -16.58 11.01 20.83
N MET D 2 -15.58 10.57 20.09
CA MET D 2 -15.05 9.28 20.07
C MET D 2 -13.62 9.31 20.57
N TYR D 3 -13.40 8.83 21.79
CA TYR D 3 -12.06 8.66 22.38
C TYR D 3 -11.97 7.24 22.83
N LYS D 4 -10.77 6.67 22.74
CA LYS D 4 -10.65 5.27 23.12
C LYS D 4 -10.59 5.03 24.60
C1 GOL E . -5.06 0.86 -0.64
O1 GOL E . -3.94 0.04 -1.00
C2 GOL E . -6.24 0.82 -1.59
O2 GOL E . -7.53 0.60 -0.90
C3 GOL E . -5.94 -0.27 -2.57
O3 GOL E . -4.62 -0.11 -3.18
C1 GOL F . 20.27 -16.67 -20.75
O1 GOL F . 20.63 -16.35 -19.42
C2 GOL F . 21.45 -16.39 -21.66
O2 GOL F . 21.62 -14.99 -21.59
C3 GOL F . 21.24 -16.89 -23.09
O3 GOL F . 21.37 -18.37 -23.19
C1 GOL G . -11.74 8.10 16.40
O1 GOL G . -10.41 7.51 16.47
C2 GOL G . -11.95 9.32 15.49
O2 GOL G . -12.31 8.98 14.12
C3 GOL G . -12.87 10.33 16.13
O3 GOL G . -13.23 11.38 15.20
C1 GOL H . 11.39 -3.88 -15.02
O1 GOL H . 10.88 -3.97 -13.65
C2 GOL H . 11.73 -5.27 -15.57
O2 GOL H . 12.95 -5.45 -16.33
C3 GOL H . 10.58 -5.70 -16.45
O3 GOL H . 10.94 -6.83 -17.24
#